data_4EK2
#
_entry.id   4EK2
#
_cell.length_a   90.680
_cell.length_b   90.680
_cell.length_c   90.430
_cell.angle_alpha   90.000
_cell.angle_beta   90.000
_cell.angle_gamma   90.000
#
_symmetry.space_group_name_H-M   'P 41 2 2'
#
loop_
_entity.id
_entity.type
_entity.pdbx_description
1 polymer 'Nucleoside diphosphate kinase'
2 non-polymer 'CHLORIDE ION'
3 non-polymer 'DIMETHYL SULFOXIDE'
4 non-polymer "2'-DEOXYADENOSINE-5'-MONOPHOSPHATE"
5 non-polymer 1,2-ETHANEDIOL
6 water water
#
_entity_poly.entity_id   1
_entity_poly.type   'polypeptide(L)'
_entity_poly.pdbx_seq_one_letter_code
;GPGSMALERTLSIIKPDAVAKNVIGQIYSRFENAGLKIVAARMAHLSRADAEKFYAVHAERPFFKDLVEFMISGPVMIQV
LEGEDAILKNRDLMGATDPKKAEKGTIRADFADSIDANAVHGSDAPETARVEIAFFFPEMNVYSR
;
_entity_poly.pdbx_strand_id   A,B
#
loop_
_chem_comp.id
_chem_comp.type
_chem_comp.name
_chem_comp.formula
CL non-polymer 'CHLORIDE ION' 'Cl -1'
D5M non-polymer 2'-DEOXYADENOSINE-5'-MONOPHOSPHATE 'C10 H14 N5 O6 P'
DMS non-polymer 'DIMETHYL SULFOXIDE' 'C2 H6 O S'
EDO non-polymer 1,2-ETHANEDIOL 'C2 H6 O2'
#
# COMPACT_ATOMS: atom_id res chain seq x y z
N SER A 4 7.01 -27.13 -5.70
CA SER A 4 6.86 -25.96 -6.62
C SER A 4 5.46 -25.98 -7.24
N MET A 5 4.78 -24.84 -7.19
CA MET A 5 3.54 -24.69 -7.94
C MET A 5 3.50 -23.42 -8.75
N ALA A 6 2.39 -23.25 -9.45
CA ALA A 6 2.22 -22.21 -10.39
C ALA A 6 2.30 -20.87 -9.69
N LEU A 7 3.01 -19.95 -10.33
CA LEU A 7 3.06 -18.57 -9.92
C LEU A 7 1.70 -18.03 -10.30
N GLU A 8 1.02 -17.45 -9.34
CA GLU A 8 -0.34 -16.95 -9.51
C GLU A 8 -0.40 -15.50 -9.06
N ARG A 9 -1.36 -14.77 -9.59
CA ARG A 9 -1.74 -13.46 -9.07
C ARG A 9 -3.15 -13.57 -8.55
N THR A 10 -3.40 -12.91 -7.43
CA THR A 10 -4.73 -12.80 -6.90
C THR A 10 -5.02 -11.35 -6.46
N LEU A 11 -6.31 -11.03 -6.43
CA LEU A 11 -6.76 -9.70 -6.02
C LEU A 11 -7.20 -9.70 -4.54
N SER A 12 -6.57 -8.82 -3.78
CA SER A 12 -6.80 -8.61 -2.37
C SER A 12 -7.35 -7.21 -2.10
N ILE A 13 -8.29 -7.09 -1.16
CA ILE A 13 -8.79 -5.79 -0.72
C ILE A 13 -8.78 -5.78 0.80
N ILE A 14 -8.18 -4.74 1.36
CA ILE A 14 -8.31 -4.41 2.77
C ILE A 14 -9.52 -3.50 2.91
N LYS A 15 -10.55 -4.02 3.58
CA LYS A 15 -11.85 -3.38 3.63
C LYS A 15 -11.87 -2.13 4.55
N PRO A 16 -12.95 -1.34 4.48
CA PRO A 16 -12.88 -0.04 5.17
C PRO A 16 -12.66 -0.16 6.69
N ASP A 17 -13.19 -1.22 7.31
CA ASP A 17 -12.97 -1.49 8.75
C ASP A 17 -11.51 -1.54 9.12
N ALA A 18 -10.75 -2.29 8.34
CA ALA A 18 -9.35 -2.55 8.64
C ALA A 18 -8.47 -1.37 8.25
N VAL A 19 -8.82 -0.65 7.18
CA VAL A 19 -8.14 0.61 6.85
C VAL A 19 -8.27 1.59 8.06
N ALA A 20 -9.50 1.72 8.57
CA ALA A 20 -9.78 2.63 9.71
C ALA A 20 -9.01 2.20 10.93
N LYS A 21 -8.73 0.91 11.04
CA LYS A 21 -7.94 0.40 12.17
C LYS A 21 -6.44 0.72 12.04
N ASN A 22 -6.02 1.25 10.91
CA ASN A 22 -4.61 1.53 10.66
C ASN A 22 -3.74 0.28 10.84
N VAL A 23 -4.19 -0.82 10.26
CA VAL A 23 -3.41 -2.07 10.27
C VAL A 23 -3.09 -2.56 8.85
N ILE A 24 -3.01 -1.61 7.92
CA ILE A 24 -2.64 -1.93 6.54
C ILE A 24 -1.26 -2.58 6.50
N GLY A 25 -0.31 -1.98 7.22
CA GLY A 25 1.01 -2.52 7.34
C GLY A 25 1.03 -3.94 7.88
N GLN A 26 0.26 -4.20 8.96
CA GLN A 26 0.28 -5.52 9.57
C GLN A 26 -0.24 -6.57 8.60
N ILE A 27 -1.27 -6.23 7.87
CA ILE A 27 -1.86 -7.15 6.91
C ILE A 27 -0.90 -7.38 5.74
N TYR A 28 -0.31 -6.29 5.22
CA TYR A 28 0.68 -6.41 4.17
C TYR A 28 1.79 -7.38 4.61
N SER A 29 2.27 -7.25 5.85
CA SER A 29 3.35 -8.13 6.33
C SER A 29 2.92 -9.60 6.40
N ARG A 30 1.64 -9.86 6.67
CA ARG A 30 1.13 -11.23 6.56
C ARG A 30 1.40 -11.80 5.15
N PHE A 31 1.14 -11.00 4.12
CA PHE A 31 1.31 -11.45 2.73
C PHE A 31 2.81 -11.62 2.42
N GLU A 32 3.56 -10.59 2.75
CA GLU A 32 4.98 -10.54 2.41
C GLU A 32 5.79 -11.57 3.19
N ASN A 33 5.47 -11.81 4.46
CA ASN A 33 6.18 -12.84 5.21
C ASN A 33 5.84 -14.26 4.78
N ALA A 34 4.71 -14.45 4.09
CA ALA A 34 4.30 -15.73 3.53
C ALA A 34 4.90 -15.95 2.14
N GLY A 35 5.73 -15.01 1.67
CA GLY A 35 6.39 -15.10 0.37
C GLY A 35 5.58 -14.59 -0.82
N LEU A 36 4.54 -13.80 -0.57
CA LEU A 36 3.78 -13.16 -1.63
C LEU A 36 4.34 -11.76 -1.80
N LYS A 37 4.26 -11.25 -3.01
CA LYS A 37 4.78 -9.94 -3.33
C LYS A 37 3.64 -9.06 -3.77
N ILE A 38 3.65 -7.84 -3.27
CA ILE A 38 2.74 -6.80 -3.71
C ILE A 38 3.21 -6.29 -5.07
N VAL A 39 2.44 -6.59 -6.12
CA VAL A 39 2.84 -6.21 -7.45
C VAL A 39 1.97 -5.11 -8.10
N ALA A 40 0.85 -4.77 -7.45
CA ALA A 40 0.04 -3.56 -7.77
C ALA A 40 -0.67 -3.15 -6.49
N ALA A 41 -0.92 -1.86 -6.33
CA ALA A 41 -1.63 -1.38 -5.15
C ALA A 41 -2.20 -0.02 -5.44
N ARG A 42 -3.36 0.24 -4.87
CA ARG A 42 -3.83 1.60 -4.77
C ARG A 42 -4.91 1.72 -3.69
N MET A 43 -4.96 2.87 -3.02
CA MET A 43 -6.06 3.22 -2.13
C MET A 43 -7.14 3.90 -2.92
N ALA A 44 -8.38 3.48 -2.70
CA ALA A 44 -9.54 3.95 -3.44
C ALA A 44 -10.75 4.03 -2.54
N HIS A 45 -11.78 4.75 -2.99
CA HIS A 45 -13.07 4.74 -2.31
C HIS A 45 -14.05 4.36 -3.42
N LEU A 46 -14.55 3.14 -3.34
CA LEU A 46 -15.42 2.63 -4.40
C LEU A 46 -16.78 3.30 -4.39
N SER A 47 -17.31 3.47 -5.59
CA SER A 47 -18.69 3.92 -5.80
C SER A 47 -19.62 2.74 -5.57
N ARG A 48 -20.87 3.05 -5.28
CA ARG A 48 -21.91 2.02 -5.15
C ARG A 48 -21.91 1.14 -6.40
N ALA A 49 -21.93 1.76 -7.58
CA ALA A 49 -21.95 1.01 -8.84
C ALA A 49 -20.74 0.08 -8.98
N ASP A 50 -19.57 0.57 -8.64
CA ASP A 50 -18.38 -0.27 -8.76
C ASP A 50 -18.43 -1.45 -7.78
N ALA A 51 -18.90 -1.22 -6.56
CA ALA A 51 -19.05 -2.30 -5.59
C ALA A 51 -20.09 -3.32 -6.10
N GLU A 52 -21.18 -2.82 -6.68
CA GLU A 52 -22.24 -3.67 -7.22
C GLU A 52 -21.72 -4.58 -8.35
N LYS A 53 -20.97 -3.98 -9.28
CA LYS A 53 -20.32 -4.74 -10.36
CA LYS A 53 -20.36 -4.78 -10.34
C LYS A 53 -19.45 -5.85 -9.75
N PHE A 54 -18.54 -5.41 -8.90
CA PHE A 54 -17.57 -6.29 -8.31
C PHE A 54 -18.22 -7.49 -7.63
N TYR A 55 -19.38 -7.27 -7.00
CA TYR A 55 -20.09 -8.34 -6.29
C TYR A 55 -21.29 -8.93 -7.06
N ALA A 56 -21.33 -8.76 -8.38
CA ALA A 56 -22.40 -9.30 -9.23
C ALA A 56 -22.79 -10.77 -8.97
N VAL A 57 -21.81 -11.64 -8.73
CA VAL A 57 -22.08 -13.06 -8.43
C VAL A 57 -23.01 -13.23 -7.21
N HIS A 58 -23.08 -12.22 -6.34
CA HIS A 58 -24.00 -12.24 -5.20
C HIS A 58 -25.23 -11.34 -5.36
N ALA A 59 -25.56 -10.97 -6.59
CA ALA A 59 -26.57 -9.94 -6.85
C ALA A 59 -27.97 -10.33 -6.39
N GLU A 60 -28.32 -11.60 -6.55
CA GLU A 60 -29.64 -12.10 -6.15
C GLU A 60 -29.67 -12.62 -4.69
N ARG A 61 -28.55 -12.48 -3.98
CA ARG A 61 -28.45 -12.95 -2.58
C ARG A 61 -28.96 -11.88 -1.60
N PRO A 62 -29.32 -12.29 -0.37
CA PRO A 62 -29.93 -11.35 0.59
C PRO A 62 -28.93 -10.54 1.42
N PHE A 63 -27.65 -10.92 1.43
CA PHE A 63 -26.60 -10.11 2.06
C PHE A 63 -25.93 -9.14 1.08
N PHE A 64 -26.41 -9.11 -0.17
CA PHE A 64 -25.85 -8.28 -1.23
C PHE A 64 -25.78 -6.78 -0.89
N LYS A 65 -26.90 -6.20 -0.47
CA LYS A 65 -26.97 -4.78 -0.12
C LYS A 65 -25.93 -4.45 0.96
N ASP A 66 -25.86 -5.29 1.99
CA ASP A 66 -24.87 -5.16 3.07
C ASP A 66 -23.42 -5.28 2.56
N LEU A 67 -23.13 -6.24 1.67
CA LEU A 67 -21.79 -6.35 1.08
C LEU A 67 -21.41 -5.03 0.40
N VAL A 68 -22.33 -4.53 -0.42
CA VAL A 68 -22.14 -3.26 -1.13
C VAL A 68 -22.02 -2.06 -0.16
N GLU A 69 -22.93 -1.88 0.78
CA GLU A 69 -22.81 -0.71 1.64
C GLU A 69 -21.52 -0.73 2.50
N PHE A 70 -21.12 -1.92 2.96
CA PHE A 70 -19.92 -2.03 3.74
C PHE A 70 -18.64 -1.76 2.91
N MET A 71 -18.62 -2.22 1.65
CA MET A 71 -17.47 -1.98 0.80
C MET A 71 -17.28 -0.49 0.45
N ILE A 72 -18.35 0.29 0.49
CA ILE A 72 -18.28 1.69 0.06
C ILE A 72 -18.32 2.67 1.25
N SER A 73 -18.23 2.15 2.46
CA SER A 73 -18.37 2.97 3.66
C SER A 73 -17.13 3.78 4.01
N GLY A 74 -16.03 3.49 3.35
CA GLY A 74 -14.82 4.24 3.56
C GLY A 74 -13.79 3.75 2.56
N PRO A 75 -12.62 4.39 2.56
CA PRO A 75 -11.55 3.97 1.66
C PRO A 75 -11.09 2.57 1.94
N VAL A 76 -10.66 1.89 0.87
CA VAL A 76 -10.08 0.57 0.90
C VAL A 76 -8.67 0.59 0.29
N MET A 77 -7.89 -0.42 0.64
CA MET A 77 -6.56 -0.60 0.10
C MET A 77 -6.63 -1.85 -0.76
N ILE A 78 -6.33 -1.69 -2.04
CA ILE A 78 -6.51 -2.75 -3.03
C ILE A 78 -5.12 -3.15 -3.53
N GLN A 79 -4.84 -4.45 -3.62
CA GLN A 79 -3.54 -4.88 -4.17
C GLN A 79 -3.60 -6.21 -4.89
N VAL A 80 -2.66 -6.39 -5.81
CA VAL A 80 -2.45 -7.67 -6.48
C VAL A 80 -1.29 -8.32 -5.77
N LEU A 81 -1.52 -9.58 -5.37
CA LEU A 81 -0.54 -10.38 -4.69
C LEU A 81 -0.04 -11.46 -5.65
N GLU A 82 1.28 -11.59 -5.76
CA GLU A 82 1.85 -12.58 -6.66
C GLU A 82 2.81 -13.53 -5.93
N GLY A 83 2.73 -14.81 -6.28
CA GLY A 83 3.60 -15.81 -5.69
C GLY A 83 3.12 -17.23 -6.00
N GLU A 84 3.91 -18.19 -5.56
CA GLU A 84 3.53 -19.58 -5.68
C GLU A 84 2.23 -19.82 -4.96
N ASP A 85 1.26 -20.37 -5.66
CA ASP A 85 -0.02 -20.75 -5.06
C ASP A 85 -0.74 -19.58 -4.39
N ALA A 86 -0.55 -18.37 -4.93
CA ALA A 86 -0.99 -17.13 -4.31
C ALA A 86 -2.47 -17.10 -3.94
N ILE A 87 -3.32 -17.64 -4.81
CA ILE A 87 -4.77 -17.62 -4.59
C ILE A 87 -5.14 -18.34 -3.28
N LEU A 88 -4.74 -19.60 -3.17
CA LEU A 88 -4.97 -20.38 -1.96
C LEU A 88 -4.23 -19.83 -0.76
N LYS A 89 -2.98 -19.44 -0.96
CA LYS A 89 -2.17 -18.89 0.12
C LYS A 89 -2.83 -17.69 0.77
N ASN A 90 -3.29 -16.76 -0.05
CA ASN A 90 -3.96 -15.57 0.44
C ASN A 90 -5.20 -16.00 1.23
N ARG A 91 -5.96 -16.95 0.70
CA ARG A 91 -7.15 -17.42 1.36
C ARG A 91 -6.85 -18.08 2.70
N ASP A 92 -5.77 -18.85 2.80
CA ASP A 92 -5.37 -19.40 4.10
C ASP A 92 -4.96 -18.30 5.10
N LEU A 93 -4.27 -17.29 4.61
CA LEU A 93 -3.87 -16.15 5.44
C LEU A 93 -5.07 -15.33 5.91
N MET A 94 -6.09 -15.21 5.07
CA MET A 94 -7.29 -14.45 5.43
C MET A 94 -8.07 -15.17 6.50
N GLY A 95 -8.20 -16.47 6.36
CA GLY A 95 -8.96 -17.28 7.31
C GLY A 95 -10.41 -17.36 6.85
N ALA A 96 -11.21 -18.09 7.61
CA ALA A 96 -12.61 -18.30 7.29
C ALA A 96 -13.38 -17.00 7.17
N THR A 97 -14.33 -16.99 6.25
CA THR A 97 -15.20 -15.85 5.97
C THR A 97 -15.80 -15.26 7.22
N ASP A 98 -16.21 -16.13 8.13
CA ASP A 98 -16.74 -15.69 9.40
C ASP A 98 -15.60 -15.67 10.41
N PRO A 99 -15.18 -14.47 10.87
CA PRO A 99 -14.10 -14.32 11.84
C PRO A 99 -14.25 -15.14 13.09
N LYS A 100 -15.51 -15.41 13.44
CA LYS A 100 -15.87 -16.30 14.52
C LYS A 100 -15.28 -17.69 14.27
N LYS A 101 -15.32 -18.14 13.01
CA LYS A 101 -14.83 -19.47 12.61
C LYS A 101 -13.35 -19.48 12.19
N ALA A 102 -12.73 -18.31 12.04
CA ALA A 102 -11.38 -18.20 11.49
C ALA A 102 -10.31 -18.69 12.45
N GLU A 103 -9.37 -19.50 11.97
CA GLU A 103 -8.26 -19.96 12.82
C GLU A 103 -7.47 -18.81 13.41
N LYS A 104 -6.93 -19.04 14.61
CA LYS A 104 -6.07 -18.07 15.28
C LYS A 104 -4.89 -17.76 14.39
N GLY A 105 -4.48 -16.51 14.34
CA GLY A 105 -3.35 -16.08 13.51
C GLY A 105 -3.71 -15.64 12.11
N THR A 106 -4.95 -15.87 11.68
CA THR A 106 -5.41 -15.37 10.39
C THR A 106 -5.80 -13.90 10.46
N ILE A 107 -5.85 -13.27 9.30
CA ILE A 107 -6.17 -11.85 9.20
C ILE A 107 -7.57 -11.62 9.77
N ARG A 108 -8.51 -12.47 9.39
CA ARG A 108 -9.87 -12.28 9.88
C ARG A 108 -10.02 -12.53 11.39
N ALA A 109 -9.30 -13.52 11.92
CA ALA A 109 -9.31 -13.74 13.38
C ALA A 109 -8.77 -12.53 14.12
N ASP A 110 -7.70 -11.92 13.59
CA ASP A 110 -7.01 -10.85 14.31
C ASP A 110 -7.60 -9.46 14.10
N PHE A 111 -8.22 -9.22 12.95
CA PHE A 111 -8.65 -7.86 12.62
C PHE A 111 -10.12 -7.68 12.30
N ALA A 112 -10.86 -8.78 12.21
CA ALA A 112 -12.27 -8.69 11.83
C ALA A 112 -13.12 -8.73 13.06
N ASP A 113 -14.10 -7.82 13.08
CA ASP A 113 -15.07 -7.70 14.15
C ASP A 113 -16.33 -8.53 13.93
N SER A 114 -16.65 -8.88 12.68
CA SER A 114 -17.88 -9.63 12.36
C SER A 114 -17.85 -10.15 10.91
N ILE A 115 -18.86 -10.94 10.52
CA ILE A 115 -18.98 -11.39 9.13
C ILE A 115 -19.19 -10.23 8.13
N ASP A 116 -19.89 -9.16 8.52
CA ASP A 116 -19.99 -7.99 7.64
C ASP A 116 -18.70 -7.18 7.64
N ALA A 117 -18.17 -6.90 8.83
CA ALA A 117 -16.90 -6.17 8.93
C ALA A 117 -15.74 -7.17 9.05
N ASN A 118 -15.40 -7.81 7.94
CA ASN A 118 -14.48 -8.93 7.96
C ASN A 118 -13.13 -8.69 7.34
N ALA A 119 -12.74 -7.41 7.29
CA ALA A 119 -11.34 -6.98 7.13
C ALA A 119 -10.74 -7.11 5.75
N VAL A 120 -10.98 -8.23 5.06
CA VAL A 120 -10.33 -8.49 3.80
C VAL A 120 -11.20 -9.25 2.81
N HIS A 121 -10.87 -9.06 1.53
CA HIS A 121 -11.34 -9.87 0.43
C HIS A 121 -10.15 -10.52 -0.25
N GLY A 122 -10.34 -11.72 -0.79
CA GLY A 122 -9.40 -12.31 -1.74
C GLY A 122 -10.13 -13.09 -2.82
N SER A 123 -9.58 -13.10 -4.04
CA SER A 123 -10.17 -13.86 -5.16
C SER A 123 -10.28 -15.32 -4.74
N ASP A 124 -11.33 -16.00 -5.18
CA ASP A 124 -11.54 -17.36 -4.72
C ASP A 124 -11.10 -18.40 -5.72
N ALA A 125 -10.73 -18.00 -6.93
CA ALA A 125 -10.34 -18.99 -7.94
C ALA A 125 -9.56 -18.31 -9.05
N PRO A 126 -8.94 -19.09 -9.94
CA PRO A 126 -8.20 -18.48 -11.04
C PRO A 126 -9.04 -17.54 -11.90
N GLU A 127 -10.28 -17.91 -12.21
CA GLU A 127 -11.07 -17.08 -13.14
CA GLU A 127 -11.13 -17.13 -13.11
C GLU A 127 -11.52 -15.79 -12.48
N THR A 128 -11.94 -15.86 -11.21
CA THR A 128 -12.35 -14.66 -10.48
C THR A 128 -11.12 -13.78 -10.22
N ALA A 129 -9.96 -14.39 -9.97
CA ALA A 129 -8.71 -13.64 -9.84
C ALA A 129 -8.45 -12.81 -11.08
N ARG A 130 -8.66 -13.40 -12.25
CA ARG A 130 -8.36 -12.74 -13.52
C ARG A 130 -9.27 -11.52 -13.70
N VAL A 131 -10.57 -11.74 -13.45
CA VAL A 131 -11.60 -10.73 -13.60
C VAL A 131 -11.42 -9.63 -12.60
N GLU A 132 -11.16 -9.99 -11.34
CA GLU A 132 -10.99 -8.98 -10.28
C GLU A 132 -9.74 -8.11 -10.45
N ILE A 133 -8.64 -8.69 -10.93
CA ILE A 133 -7.43 -7.91 -11.17
C ILE A 133 -7.69 -6.91 -12.30
N ALA A 134 -8.27 -7.40 -13.40
CA ALA A 134 -8.59 -6.54 -14.57
C ALA A 134 -9.59 -5.44 -14.25
N PHE A 135 -10.45 -5.69 -13.27
CA PHE A 135 -11.44 -4.69 -12.84
C PHE A 135 -10.74 -3.50 -12.24
N PHE A 136 -9.73 -3.75 -11.39
CA PHE A 136 -9.14 -2.68 -10.62
C PHE A 136 -7.82 -2.10 -11.17
N PHE A 137 -7.11 -2.85 -12.01
CA PHE A 137 -5.81 -2.38 -12.52
C PHE A 137 -5.65 -2.62 -14.01
N PRO A 138 -5.09 -1.62 -14.74
CA PRO A 138 -4.58 -1.90 -16.07
C PRO A 138 -3.28 -2.69 -15.94
N GLU A 139 -2.94 -3.54 -16.92
CA GLU A 139 -1.71 -4.35 -16.77
C GLU A 139 -0.44 -3.50 -16.71
N MET A 140 -0.47 -2.31 -17.29
CA MET A 140 0.68 -1.43 -17.23
C MET A 140 0.97 -0.95 -15.81
N ASN A 141 0.03 -1.13 -14.88
CA ASN A 141 0.24 -0.79 -13.48
C ASN A 141 0.35 -2.02 -12.56
N VAL A 142 0.68 -3.18 -13.13
CA VAL A 142 0.97 -4.39 -12.36
C VAL A 142 2.40 -4.72 -12.72
N TYR A 143 3.26 -4.82 -11.71
CA TYR A 143 4.70 -4.92 -11.93
C TYR A 143 5.29 -6.18 -11.28
N SER A 144 5.36 -7.24 -12.06
CA SER A 144 5.89 -8.48 -11.56
C SER A 144 7.35 -8.30 -11.25
N ARG A 145 7.80 -8.97 -10.20
CA ARG A 145 9.22 -8.98 -9.92
C ARG A 145 9.56 -10.25 -9.22
N ALA B 6 -4.73 17.83 13.13
CA ALA B 6 -3.97 16.66 12.59
C ALA B 6 -4.22 16.48 11.09
N LEU B 7 -4.38 17.59 10.37
CA LEU B 7 -4.63 17.53 8.93
C LEU B 7 -3.36 17.73 8.06
N GLU B 8 -2.19 17.92 8.68
CA GLU B 8 -0.93 18.02 7.93
C GLU B 8 -0.68 16.73 7.17
N ARG B 9 -0.18 16.87 5.94
CA ARG B 9 0.12 15.72 5.08
C ARG B 9 1.54 15.80 4.58
N THR B 10 2.15 14.64 4.38
CA THR B 10 3.45 14.58 3.79
C THR B 10 3.49 13.45 2.78
N LEU B 11 4.39 13.58 1.81
CA LEU B 11 4.51 12.58 0.74
C LEU B 11 5.66 11.62 1.08
N SER B 12 5.34 10.33 1.09
CA SER B 12 6.30 9.26 1.37
C SER B 12 6.50 8.38 0.14
N ILE B 13 7.70 7.93 -0.09
CA ILE B 13 7.93 6.92 -1.10
C ILE B 13 8.77 5.82 -0.46
N ILE B 14 8.31 4.58 -0.61
CA ILE B 14 9.12 3.40 -0.38
C ILE B 14 9.85 3.05 -1.69
N LYS B 15 11.18 3.21 -1.66
CA LYS B 15 12.01 3.17 -2.86
C LYS B 15 12.21 1.73 -3.38
N PRO B 16 12.76 1.59 -4.58
CA PRO B 16 12.76 0.28 -5.21
C PRO B 16 13.51 -0.80 -4.41
N ASP B 17 14.54 -0.40 -3.68
CA ASP B 17 15.32 -1.29 -2.83
C ASP B 17 14.45 -1.93 -1.73
N ALA B 18 13.61 -1.14 -1.08
CA ALA B 18 12.75 -1.64 0.02
C ALA B 18 11.53 -2.46 -0.50
N VAL B 19 10.94 -2.02 -1.61
CA VAL B 19 9.92 -2.82 -2.28
C VAL B 19 10.49 -4.21 -2.61
N ALA B 20 11.72 -4.25 -3.13
CA ALA B 20 12.36 -5.50 -3.53
C ALA B 20 12.63 -6.41 -2.36
N LYS B 21 12.81 -5.82 -1.18
CA LYS B 21 12.97 -6.60 0.06
C LYS B 21 11.65 -7.13 0.62
N ASN B 22 10.52 -6.70 0.04
CA ASN B 22 9.20 -7.06 0.55
C ASN B 22 9.02 -6.68 2.01
N VAL B 23 9.36 -5.42 2.32
CA VAL B 23 9.14 -4.89 3.66
C VAL B 23 8.19 -3.67 3.64
N ILE B 24 7.30 -3.63 2.65
CA ILE B 24 6.33 -2.54 2.54
C ILE B 24 5.46 -2.51 3.79
N GLY B 25 4.98 -3.67 4.21
CA GLY B 25 4.15 -3.77 5.40
C GLY B 25 4.85 -3.32 6.65
N GLN B 26 6.11 -3.72 6.86
CA GLN B 26 6.82 -3.31 8.05
C GLN B 26 7.01 -1.80 8.08
N ILE B 27 7.28 -1.19 6.94
CA ILE B 27 7.46 0.25 6.88
C ILE B 27 6.11 0.96 7.11
N TYR B 28 5.05 0.45 6.50
CA TYR B 28 3.71 0.97 6.74
C TYR B 28 3.34 0.95 8.23
N SER B 29 3.66 -0.13 8.93
CA SER B 29 3.42 -0.21 10.36
C SER B 29 4.18 0.84 11.16
N ARG B 30 5.38 1.22 10.70
CA ARG B 30 6.11 2.30 11.37
C ARG B 30 5.26 3.56 11.34
N PHE B 31 4.69 3.84 10.17
CA PHE B 31 3.85 5.01 10.01
C PHE B 31 2.63 4.88 10.89
N GLU B 32 1.93 3.76 10.75
CA GLU B 32 0.63 3.59 11.39
C GLU B 32 0.73 3.51 12.92
N ASN B 33 1.74 2.80 13.41
CA ASN B 33 1.93 2.65 14.84
C ASN B 33 2.29 4.00 15.49
N ALA B 34 2.91 4.88 14.71
CA ALA B 34 3.28 6.21 15.17
C ALA B 34 2.13 7.23 15.12
N GLY B 35 0.97 6.83 14.62
CA GLY B 35 -0.21 7.69 14.60
C GLY B 35 -0.48 8.40 13.29
N LEU B 36 0.31 8.10 12.27
CA LEU B 36 0.04 8.63 10.94
C LEU B 36 -0.97 7.71 10.25
N LYS B 37 -1.81 8.30 9.41
CA LYS B 37 -2.79 7.55 8.66
C LYS B 37 -2.40 7.60 7.18
N ILE B 38 -2.53 6.46 6.53
CA ILE B 38 -2.26 6.34 5.10
C ILE B 38 -3.55 6.74 4.42
N VAL B 39 -3.54 7.91 3.79
CA VAL B 39 -4.76 8.47 3.20
C VAL B 39 -4.75 8.52 1.66
N ALA B 40 -3.61 8.21 1.06
CA ALA B 40 -3.53 7.93 -0.37
C ALA B 40 -2.37 6.98 -0.58
N ALA B 41 -2.44 6.17 -1.62
CA ALA B 41 -1.39 5.20 -1.86
C ALA B 41 -1.51 4.60 -3.23
N ARG B 42 -0.36 4.36 -3.85
CA ARG B 42 -0.30 3.55 -5.03
C ARG B 42 1.09 3.04 -5.35
N MET B 43 1.13 1.87 -5.99
CA MET B 43 2.37 1.31 -6.52
C MET B 43 2.54 1.78 -7.94
N ALA B 44 3.73 2.24 -8.27
CA ALA B 44 4.01 2.78 -9.59
C ALA B 44 5.43 2.47 -9.99
N HIS B 45 5.74 2.65 -11.27
CA HIS B 45 7.14 2.58 -11.71
C HIS B 45 7.40 3.90 -12.41
N LEU B 46 8.19 4.77 -11.77
CA LEU B 46 8.40 6.11 -12.32
C LEU B 46 9.21 6.09 -13.61
N SER B 47 8.86 6.98 -14.54
CA SER B 47 9.66 7.18 -15.73
C SER B 47 10.90 7.99 -15.34
N ARG B 48 11.91 7.97 -16.19
CA ARG B 48 13.07 8.83 -15.99
C ARG B 48 12.67 10.29 -15.92
N ALA B 49 11.84 10.72 -16.87
CA ALA B 49 11.38 12.10 -16.91
C ALA B 49 10.65 12.51 -15.61
N ASP B 50 9.85 11.63 -15.06
CA ASP B 50 9.16 11.97 -13.82
C ASP B 50 10.10 12.01 -12.62
N ALA B 51 11.07 11.09 -12.59
CA ALA B 51 12.06 11.08 -11.51
C ALA B 51 12.86 12.36 -11.57
N GLU B 52 13.20 12.80 -12.79
CA GLU B 52 13.93 14.06 -12.99
C GLU B 52 13.17 15.30 -12.50
N LYS B 53 11.87 15.35 -12.77
CA LYS B 53 11.00 16.43 -12.31
C LYS B 53 10.92 16.38 -10.78
N PHE B 54 10.66 15.19 -10.25
CA PHE B 54 10.54 15.02 -8.81
C PHE B 54 11.77 15.53 -8.07
N TYR B 55 12.95 15.20 -8.61
CA TYR B 55 14.24 15.58 -8.02
C TYR B 55 14.86 16.81 -8.66
N ALA B 56 14.03 17.64 -9.30
CA ALA B 56 14.49 18.86 -9.99
C ALA B 56 15.38 19.77 -9.14
N VAL B 57 15.07 19.91 -7.85
CA VAL B 57 15.84 20.81 -6.99
C VAL B 57 17.32 20.39 -6.91
N HIS B 58 17.60 19.12 -7.19
CA HIS B 58 18.97 18.59 -7.16
C HIS B 58 19.62 18.45 -8.54
N ALA B 59 19.05 19.10 -9.56
CA ALA B 59 19.48 18.92 -10.95
C ALA B 59 20.97 19.25 -11.14
N GLU B 60 21.49 20.18 -10.35
CA GLU B 60 22.87 20.65 -10.46
C GLU B 60 23.87 19.84 -9.63
N ARG B 61 23.38 19.04 -8.69
CA ARG B 61 24.25 18.26 -7.81
C ARG B 61 24.77 16.99 -8.50
N PRO B 62 26.01 16.57 -8.19
CA PRO B 62 26.59 15.37 -8.81
C PRO B 62 25.90 14.04 -8.45
N PHE B 63 25.07 14.02 -7.42
CA PHE B 63 24.31 12.81 -7.10
C PHE B 63 22.95 12.75 -7.80
N PHE B 64 22.63 13.78 -8.60
CA PHE B 64 21.38 13.81 -9.36
C PHE B 64 21.14 12.52 -10.16
N LYS B 65 22.09 12.17 -11.02
CA LYS B 65 21.90 11.02 -11.88
C LYS B 65 21.58 9.80 -11.03
N ASP B 66 22.28 9.66 -9.89
CA ASP B 66 22.08 8.54 -8.97
C ASP B 66 20.74 8.54 -8.26
N LEU B 67 20.29 9.69 -7.79
CA LEU B 67 18.93 9.76 -7.26
C LEU B 67 17.95 9.22 -8.30
N VAL B 68 18.11 9.65 -9.54
CA VAL B 68 17.18 9.31 -10.60
C VAL B 68 17.21 7.83 -10.94
N GLU B 69 18.41 7.31 -11.19
CA GLU B 69 18.60 5.90 -11.57
C GLU B 69 18.07 4.97 -10.53
N PHE B 70 18.31 5.29 -9.26
CA PHE B 70 17.86 4.44 -8.17
CA PHE B 70 17.85 4.45 -8.20
C PHE B 70 16.34 4.50 -8.03
N MET B 71 15.73 5.66 -8.29
CA MET B 71 14.28 5.78 -8.13
C MET B 71 13.51 5.07 -9.24
N ILE B 72 14.14 4.85 -10.40
CA ILE B 72 13.47 4.23 -11.55
C ILE B 72 13.91 2.78 -11.81
N SER B 73 14.74 2.25 -10.92
CA SER B 73 15.30 0.90 -11.08
C SER B 73 14.28 -0.19 -10.85
N GLY B 74 13.11 0.16 -10.30
CA GLY B 74 12.06 -0.81 -9.98
C GLY B 74 10.82 -0.09 -9.48
N PRO B 75 9.75 -0.86 -9.22
CA PRO B 75 8.53 -0.21 -8.72
C PRO B 75 8.71 0.34 -7.34
N VAL B 76 7.92 1.37 -7.04
CA VAL B 76 7.88 2.03 -5.74
C VAL B 76 6.48 2.03 -5.19
N MET B 77 6.36 2.23 -3.88
CA MET B 77 5.09 2.37 -3.23
C MET B 77 5.03 3.81 -2.76
N ILE B 78 4.03 4.55 -3.23
CA ILE B 78 3.95 6.00 -2.94
C ILE B 78 2.72 6.22 -2.09
N GLN B 79 2.83 6.99 -1.01
CA GLN B 79 1.66 7.27 -0.19
C GLN B 79 1.68 8.63 0.46
N VAL B 80 0.49 9.10 0.79
CA VAL B 80 0.33 10.32 1.56
C VAL B 80 0.03 9.93 2.99
N LEU B 81 0.81 10.52 3.90
CA LEU B 81 0.70 10.27 5.32
C LEU B 81 0.12 11.49 5.99
N GLU B 82 -0.95 11.30 6.77
CA GLU B 82 -1.66 12.42 7.38
C GLU B 82 -1.67 12.30 8.91
N GLY B 83 -1.49 13.43 9.57
CA GLY B 83 -1.55 13.47 11.03
C GLY B 83 -0.85 14.69 11.57
N GLU B 84 -1.04 14.91 12.86
CA GLU B 84 -0.36 15.96 13.55
C GLU B 84 1.14 15.82 13.35
N ASP B 85 1.78 16.92 12.97
CA ASP B 85 3.23 16.98 12.79
CA ASP B 85 3.24 16.96 12.80
C ASP B 85 3.73 15.93 11.80
N ALA B 86 2.89 15.56 10.84
CA ALA B 86 3.22 14.50 9.90
C ALA B 86 4.59 14.64 9.22
N ILE B 87 4.91 15.84 8.76
CA ILE B 87 6.15 16.03 8.00
C ILE B 87 7.39 15.65 8.86
N LEU B 88 7.48 16.21 10.06
CA LEU B 88 8.62 15.97 10.92
C LEU B 88 8.58 14.58 11.53
N LYS B 89 7.38 14.07 11.81
CA LYS B 89 7.26 12.74 12.39
C LYS B 89 7.76 11.70 11.39
N ASN B 90 7.32 11.80 10.14
CA ASN B 90 7.83 10.89 9.11
C ASN B 90 9.37 11.00 9.01
N ARG B 91 9.91 12.22 9.01
CA ARG B 91 11.38 12.38 8.98
CA ARG B 91 11.36 12.42 9.00
C ARG B 91 12.06 11.66 10.16
N ASP B 92 11.46 11.78 11.35
CA ASP B 92 11.96 11.08 12.54
C ASP B 92 11.92 9.57 12.37
N LEU B 93 10.84 9.08 11.78
CA LEU B 93 10.68 7.65 11.51
C LEU B 93 11.67 7.14 10.47
N MET B 94 11.95 7.96 9.45
CA MET B 94 12.90 7.57 8.39
C MET B 94 14.34 7.46 8.89
N GLY B 95 14.76 8.45 9.68
CA GLY B 95 16.14 8.54 10.13
C GLY B 95 16.99 9.28 9.13
N ALA B 96 18.26 9.43 9.47
CA ALA B 96 19.21 10.16 8.63
C ALA B 96 19.32 9.58 7.22
N THR B 97 19.62 10.47 6.28
CA THR B 97 19.72 10.13 4.87
C THR B 97 20.71 9.01 4.64
N ASP B 98 21.88 9.12 5.28
CA ASP B 98 22.89 8.08 5.25
C ASP B 98 22.54 7.07 6.34
N PRO B 99 22.21 5.85 5.95
CA PRO B 99 21.78 4.83 6.91
C PRO B 99 22.83 4.46 7.94
N LYS B 100 24.10 4.69 7.62
CA LYS B 100 25.19 4.48 8.58
C LYS B 100 25.06 5.45 9.77
N LYS B 101 24.43 6.60 9.54
CA LYS B 101 24.23 7.63 10.56
C LYS B 101 22.84 7.61 11.19
N ALA B 102 21.92 6.83 10.62
CA ALA B 102 20.54 6.76 11.13
C ALA B 102 20.45 6.11 12.52
N GLU B 103 19.61 6.65 13.38
CA GLU B 103 19.42 6.09 14.72
C GLU B 103 18.79 4.71 14.69
N LYS B 104 19.13 3.92 15.69
CA LYS B 104 18.65 2.54 15.81
C LYS B 104 17.14 2.57 15.79
N GLY B 105 16.54 1.67 15.00
CA GLY B 105 15.08 1.57 14.96
C GLY B 105 14.37 2.50 13.99
N THR B 106 15.12 3.32 13.25
CA THR B 106 14.54 4.10 12.19
C THR B 106 14.44 3.18 10.98
N ILE B 107 13.61 3.58 10.01
CA ILE B 107 13.42 2.83 8.77
C ILE B 107 14.74 2.67 8.02
N ARG B 108 15.50 3.75 7.91
CA ARG B 108 16.78 3.63 7.21
C ARG B 108 17.80 2.77 7.95
N ALA B 109 17.83 2.83 9.27
CA ALA B 109 18.75 2.01 10.02
C ALA B 109 18.38 0.54 9.87
N ASP B 110 17.10 0.24 9.77
CA ASP B 110 16.64 -1.14 9.74
C ASP B 110 16.60 -1.74 8.33
N PHE B 111 16.30 -0.92 7.32
CA PHE B 111 16.06 -1.47 5.99
C PHE B 111 16.95 -0.95 4.87
N ALA B 112 17.81 0.03 5.16
CA ALA B 112 18.60 0.64 4.08
C ALA B 112 19.98 0.01 3.98
N ASP B 113 20.37 -0.32 2.75
CA ASP B 113 21.73 -0.81 2.48
C ASP B 113 22.77 0.30 2.34
N SER B 114 22.40 1.47 1.80
CA SER B 114 23.41 2.52 1.54
C SER B 114 22.70 3.87 1.36
N ILE B 115 23.45 4.96 1.21
CA ILE B 115 22.81 6.25 0.96
C ILE B 115 22.03 6.26 -0.35
N ASP B 116 22.46 5.49 -1.33
CA ASP B 116 21.68 5.36 -2.55
C ASP B 116 20.45 4.50 -2.36
N ALA B 117 20.67 3.27 -1.89
CA ALA B 117 19.56 2.39 -1.56
C ALA B 117 19.13 2.70 -0.13
N ASN B 118 18.54 3.87 0.09
CA ASN B 118 18.19 4.27 1.47
C ASN B 118 16.70 4.14 1.79
N ALA B 119 16.01 3.25 1.07
CA ALA B 119 14.69 2.69 1.47
C ALA B 119 13.43 3.58 1.27
N VAL B 120 13.55 4.85 1.65
CA VAL B 120 12.39 5.76 1.73
C VAL B 120 12.77 7.19 1.37
N HIS B 121 11.75 7.93 0.92
CA HIS B 121 11.74 9.38 0.76
C HIS B 121 10.62 9.93 1.65
N GLY B 122 10.81 11.14 2.13
CA GLY B 122 9.76 11.92 2.78
C GLY B 122 9.93 13.40 2.49
N SER B 123 8.82 14.10 2.29
CA SER B 123 8.86 15.56 2.11
C SER B 123 9.61 16.24 3.25
N ASP B 124 10.40 17.26 2.91
CA ASP B 124 11.23 17.94 3.92
C ASP B 124 10.66 19.23 4.48
N ALA B 125 9.51 19.67 3.99
CA ALA B 125 8.99 20.98 4.41
C ALA B 125 7.55 21.11 3.96
N PRO B 126 6.82 22.08 4.55
CA PRO B 126 5.43 22.20 4.14
C PRO B 126 5.24 22.45 2.63
N GLU B 127 6.04 23.31 2.01
CA GLU B 127 5.83 23.59 0.59
CA GLU B 127 5.86 23.60 0.57
C GLU B 127 6.24 22.41 -0.32
N THR B 128 7.28 21.68 0.05
CA THR B 128 7.65 20.49 -0.73
C THR B 128 6.61 19.38 -0.54
N ALA B 129 6.04 19.27 0.66
CA ALA B 129 4.93 18.33 0.86
C ALA B 129 3.77 18.66 -0.09
N ARG B 130 3.39 19.93 -0.16
CA ARG B 130 2.29 20.34 -1.05
C ARG B 130 2.55 19.98 -2.52
N VAL B 131 3.75 20.29 -2.99
CA VAL B 131 4.12 20.05 -4.38
C VAL B 131 4.21 18.57 -4.68
N GLU B 132 4.82 17.81 -3.77
CA GLU B 132 5.04 16.40 -4.01
C GLU B 132 3.73 15.61 -3.98
N ILE B 133 2.84 15.96 -3.06
CA ILE B 133 1.51 15.33 -3.00
C ILE B 133 0.76 15.61 -4.31
N ALA B 134 0.82 16.86 -4.75
CA ALA B 134 0.10 17.27 -5.94
C ALA B 134 0.70 16.64 -7.20
N PHE B 135 2.00 16.35 -7.17
CA PHE B 135 2.67 15.70 -8.29
C PHE B 135 2.15 14.28 -8.51
N PHE B 136 1.94 13.51 -7.46
CA PHE B 136 1.63 12.09 -7.56
C PHE B 136 0.15 11.75 -7.43
N PHE B 137 -0.64 12.64 -6.85
CA PHE B 137 -2.05 12.36 -6.57
C PHE B 137 -2.97 13.54 -6.88
N PRO B 138 -4.12 13.26 -7.55
CA PRO B 138 -5.21 14.23 -7.59
C PRO B 138 -5.87 14.23 -6.22
N GLU B 139 -6.37 15.37 -5.74
CA GLU B 139 -7.05 15.39 -4.42
C GLU B 139 -8.24 14.44 -4.30
N MET B 140 -8.89 14.10 -5.41
CA MET B 140 -10.00 13.16 -5.35
C MET B 140 -9.56 11.73 -5.00
N ASN B 141 -8.26 11.45 -5.10
CA ASN B 141 -7.74 10.14 -4.69
C ASN B 141 -6.94 10.20 -3.39
N VAL B 142 -7.12 11.29 -2.64
CA VAL B 142 -6.61 11.43 -1.27
C VAL B 142 -7.80 11.54 -0.30
N TYR B 143 -7.86 10.61 0.66
CA TYR B 143 -9.06 10.37 1.46
C TYR B 143 -8.80 10.59 2.96
N SER B 144 -8.93 11.85 3.39
CA SER B 144 -8.68 12.20 4.77
CA SER B 144 -8.67 12.18 4.78
C SER B 144 -9.67 11.45 5.66
N ARG B 145 -9.21 11.04 6.83
CA ARG B 145 -10.04 10.31 7.77
C ARG B 145 -9.40 10.37 9.15
CL CL C . -15.60 -10.05 -0.17
S DMS D . -4.20 -16.00 -11.59
O DMS D . -2.47 -16.24 -12.04
C1 DMS D . -4.70 -14.28 -11.94
C2 DMS D . -5.37 -16.83 -12.73
O5' D5M E . -0.96 -21.96 -15.65
C5' D5M E . -1.08 -22.08 -14.23
C4' D5M E . -0.53 -20.84 -13.55
O4' D5M E . 0.91 -20.92 -13.53
C3' D5M E . -0.82 -19.50 -14.22
O3' D5M E . -1.04 -18.55 -13.19
C2' D5M E . 0.42 -19.25 -15.10
C1' D5M E . 1.54 -19.90 -14.29
N9 D5M E . 2.64 -20.60 -14.93
C8 D5M E . 2.80 -21.09 -16.20
N7 D5M E . 3.95 -21.70 -16.41
C5 D5M E . 4.59 -21.60 -15.18
C6 D5M E . 5.84 -22.04 -14.70
N6 D5M E . 6.76 -22.70 -15.44
N1 D5M E . 6.15 -21.76 -13.40
C2 D5M E . 5.27 -21.12 -12.66
N3 D5M E . 4.06 -20.66 -12.99
C4 D5M E . 3.79 -20.95 -14.27
P D5M E . -2.26 -21.98 -16.62
O1P D5M E . -3.19 -23.01 -16.11
O3P D5M E . -1.76 -22.40 -17.95
O2P D5M E . -2.75 -20.58 -16.76
CL CL F . 14.82 11.26 -1.48
C1 EDO G . 12.88 15.65 -4.32
O1 EDO G . 11.51 15.79 -4.02
C2 EDO G . 13.70 16.60 -3.48
O2 EDO G . 14.30 15.86 -2.42
S DMS H . 1.30 19.85 4.08
O DMS H . -0.19 19.75 5.08
C1 DMS H . 0.88 19.31 2.40
C2 DMS H . 1.81 21.56 3.79
#